data_7RSW
#
_entry.id   7RSW
#
_cell.length_a   31.277
_cell.length_b   116.257
_cell.length_c   31.312
_cell.angle_alpha   90.000
_cell.angle_beta   103.537
_cell.angle_gamma   90.000
#
_symmetry.space_group_name_H-M   'P 1 21 1'
#
loop_
_entity.id
_entity.type
_entity.pdbx_description
1 polymer 'Outer capsid protein VP4'
2 polymer peptide
3 water water
#
loop_
_entity_poly.entity_id
_entity_poly.type
_entity_poly.pdbx_seq_one_letter_code
_entity_poly.pdbx_strand_id
1 'polypeptide(L)'
;MSLGQSDLHIDPTQFIMYSGTISNGISYVNQAPSCGTVLSLKFTPGNSSLIENLHIEPYKVEVLKIEHVGDVSRATLLSD
IVSLSTAQKKLLLYGFTQPGVQGLTGDVVSVETKRIPTPTQTNLLTIEDSIQCFTWDMNCANARSTNQDSRLIIYEQEDG
RSHHHHHH
;
A,B
2 'polypeptide(L)' GAAG C
#
# COMPACT_ATOMS: atom_id res chain seq x y z
N PHE A 15 -13.20 18.15 23.79
CA PHE A 15 -12.51 17.18 22.94
C PHE A 15 -13.02 15.77 23.22
N ILE A 16 -13.67 15.16 22.23
CA ILE A 16 -14.35 13.88 22.40
C ILE A 16 -13.67 12.82 21.54
N MET A 17 -13.30 11.72 22.17
CA MET A 17 -12.79 10.54 21.49
C MET A 17 -13.85 9.44 21.49
N TYR A 18 -13.95 8.72 20.38
CA TYR A 18 -14.93 7.64 20.21
C TYR A 18 -14.24 6.29 20.23
N SER A 19 -14.78 5.36 21.03
CA SER A 19 -14.41 3.96 20.96
C SER A 19 -15.66 3.12 20.77
N GLY A 20 -15.53 2.01 20.04
CA GLY A 20 -16.67 1.13 19.81
C GLY A 20 -16.77 0.73 18.36
N THR A 21 -17.96 0.26 17.98
CA THR A 21 -18.20 -0.17 16.61
C THR A 21 -18.10 1.01 15.66
N ILE A 22 -17.36 0.82 14.57
CA ILE A 22 -17.24 1.86 13.55
C ILE A 22 -18.40 1.74 12.58
N SER A 23 -19.03 2.86 12.26
CA SER A 23 -20.01 2.90 11.19
C SER A 23 -19.78 4.18 10.40
N ASN A 24 -20.45 4.27 9.27
CA ASN A 24 -20.28 5.44 8.41
C ASN A 24 -20.81 6.69 9.09
N GLY A 25 -19.98 7.73 9.11
CA GLY A 25 -20.26 8.96 9.82
C GLY A 25 -19.56 9.10 11.15
N ILE A 26 -18.90 8.04 11.63
CA ILE A 26 -18.13 8.10 12.87
C ILE A 26 -16.85 8.89 12.64
N SER A 27 -16.57 9.83 13.53
CA SER A 27 -15.26 10.46 13.64
C SER A 27 -14.65 10.01 14.96
N TYR A 28 -13.37 9.61 14.91
CA TYR A 28 -12.71 9.14 16.13
C TYR A 28 -12.48 10.26 17.12
N VAL A 29 -12.38 11.50 16.63
CA VAL A 29 -12.36 12.69 17.46
C VAL A 29 -13.34 13.68 16.83
N ASN A 30 -13.85 14.59 17.64
CA ASN A 30 -14.82 15.57 17.13
C ASN A 30 -14.15 16.84 16.63
N GLN A 31 -12.85 17.00 16.88
CA GLN A 31 -12.09 18.17 16.49
C GLN A 31 -10.62 17.82 16.72
N ALA A 32 -9.74 18.67 16.20
CA ALA A 32 -8.33 18.44 16.39
C ALA A 32 -7.98 18.52 17.87
N PRO A 33 -7.14 17.63 18.39
CA PRO A 33 -6.65 17.80 19.76
C PRO A 33 -5.65 18.93 19.81
N SER A 34 -5.30 19.30 21.04
CA SER A 34 -4.28 20.33 21.22
C SER A 34 -2.92 19.80 20.77
N CYS A 35 -1.98 20.73 20.62
CA CYS A 35 -0.64 20.39 20.17
C CYS A 35 0.02 19.42 21.14
N GLY A 36 0.86 18.54 20.58
CA GLY A 36 1.60 17.58 21.37
C GLY A 36 0.85 16.32 21.72
N THR A 37 -0.45 16.27 21.42
CA THR A 37 -1.24 15.09 21.76
C THR A 37 -0.80 13.91 20.90
N VAL A 38 -0.65 12.75 21.54
CA VAL A 38 -0.44 11.49 20.84
C VAL A 38 -1.71 10.67 21.02
N LEU A 39 -2.32 10.25 19.91
CA LEU A 39 -3.58 9.50 19.95
C LEU A 39 -3.33 8.06 19.53
N SER A 40 -3.70 7.12 20.40
CA SER A 40 -3.63 5.71 20.09
C SER A 40 -4.97 5.24 19.54
N LEU A 41 -4.95 4.58 18.38
CA LEU A 41 -6.17 3.98 17.83
C LEU A 41 -5.86 2.53 17.47
N LYS A 42 -6.63 1.60 18.02
CA LYS A 42 -6.44 0.19 17.73
C LYS A 42 -7.69 -0.31 17.02
N PHE A 43 -7.49 -0.93 15.86
CA PHE A 43 -8.60 -1.34 15.00
C PHE A 43 -8.69 -2.86 14.97
N THR A 44 -9.91 -3.38 15.16
CA THR A 44 -10.14 -4.82 15.17
C THR A 44 -11.28 -5.17 14.21
N PRO A 45 -10.95 -5.56 12.99
CA PRO A 45 -12.00 -5.95 12.03
C PRO A 45 -12.39 -7.41 12.19
N GLY A 46 -13.40 -7.83 11.43
CA GLY A 46 -13.70 -9.23 11.26
C GLY A 46 -13.03 -9.77 10.01
N ASN A 47 -13.50 -10.95 9.59
CA ASN A 47 -12.88 -11.65 8.47
C ASN A 47 -13.12 -10.93 7.14
N SER A 48 -14.25 -10.23 7.01
CA SER A 48 -14.62 -9.60 5.75
C SER A 48 -15.13 -8.17 5.98
N SER A 49 -14.27 -7.34 6.55
CA SER A 49 -14.56 -5.93 6.75
C SER A 49 -13.97 -5.16 5.59
N LEU A 50 -14.79 -4.37 4.90
CA LEU A 50 -14.35 -3.64 3.72
C LEU A 50 -14.65 -2.15 3.83
N ILE A 51 -13.70 -1.34 3.37
CA ILE A 51 -13.91 0.09 3.20
C ILE A 51 -13.62 0.43 1.74
N GLU A 52 -14.61 0.98 1.06
CA GLU A 52 -14.48 1.29 -0.37
C GLU A 52 -13.95 0.07 -1.12
N ASN A 53 -14.49 -1.11 -0.78
CA ASN A 53 -14.20 -2.39 -1.41
C ASN A 53 -12.81 -2.93 -1.10
N LEU A 54 -12.13 -2.36 -0.10
CA LEU A 54 -10.78 -2.76 0.27
C LEU A 54 -10.83 -3.47 1.63
N HIS A 55 -10.16 -4.61 1.72
CA HIS A 55 -10.27 -5.45 2.89
C HIS A 55 -9.38 -4.89 4.01
N ILE A 56 -9.94 -4.82 5.22
CA ILE A 56 -9.29 -4.24 6.39
C ILE A 56 -8.72 -5.35 7.27
N GLU A 57 -7.44 -5.25 7.61
CA GLU A 57 -6.79 -6.10 8.59
C GLU A 57 -6.52 -5.31 9.87
N PRO A 58 -6.34 -5.98 11.01
CA PRO A 58 -6.12 -5.26 12.26
C PRO A 58 -4.83 -4.46 12.26
N TYR A 59 -4.84 -3.36 13.01
CA TYR A 59 -3.65 -2.52 13.12
C TYR A 59 -3.83 -1.58 14.30
N LYS A 60 -2.69 -1.11 14.80
CA LYS A 60 -2.62 -0.15 15.90
C LYS A 60 -1.76 1.00 15.44
N VAL A 61 -2.22 2.23 15.66
CA VAL A 61 -1.44 3.41 15.32
C VAL A 61 -1.37 4.34 16.52
N GLU A 62 -0.29 5.10 16.59
CA GLU A 62 -0.12 6.19 17.55
C GLU A 62 0.18 7.42 16.72
N VAL A 63 -0.79 8.31 16.59
CA VAL A 63 -0.69 9.44 15.67
C VAL A 63 -0.02 10.60 16.40
N LEU A 64 1.11 11.05 15.86
CA LEU A 64 1.87 12.14 16.46
C LEU A 64 1.42 13.51 15.95
N LYS A 65 0.87 13.56 14.75
CA LYS A 65 0.38 14.81 14.18
C LYS A 65 -0.32 14.50 12.89
N ILE A 66 -1.24 15.38 12.51
CA ILE A 66 -1.78 15.42 11.16
C ILE A 66 -1.63 16.85 10.67
N GLU A 67 -1.05 17.01 9.50
CA GLU A 67 -0.84 18.34 8.94
C GLU A 67 -1.42 18.38 7.55
N HIS A 68 -1.68 19.59 7.08
CA HIS A 68 -2.03 19.77 5.68
C HIS A 68 -0.78 20.17 4.94
N VAL A 69 -0.45 19.42 3.89
CA VAL A 69 0.74 19.65 3.08
C VAL A 69 0.26 19.70 1.64
N GLY A 70 0.51 20.82 0.98
CA GLY A 70 -0.07 21.00 -0.34
C GLY A 70 -1.58 20.83 -0.26
N ASP A 71 -2.13 19.96 -1.11
CA ASP A 71 -3.56 19.71 -1.13
C ASP A 71 -3.97 18.39 -0.47
N VAL A 72 -3.13 17.83 0.41
CA VAL A 72 -3.46 16.57 1.08
C VAL A 72 -3.33 16.73 2.59
N SER A 73 -3.96 15.81 3.31
CA SER A 73 -3.70 15.62 4.73
C SER A 73 -2.63 14.55 4.90
N ARG A 74 -1.68 14.80 5.78
CA ARG A 74 -0.56 13.90 6.01
C ARG A 74 -0.49 13.58 7.50
N ALA A 75 -0.62 12.31 7.83
CA ALA A 75 -0.48 11.85 9.20
C ALA A 75 0.89 11.22 9.40
N THR A 76 1.53 11.56 10.51
CA THR A 76 2.77 10.95 10.94
C THR A 76 2.44 10.11 12.17
N LEU A 77 2.80 8.84 12.13
CA LEU A 77 2.34 7.94 13.16
C LEU A 77 3.33 6.80 13.37
N LEU A 78 3.20 6.15 14.52
CA LEU A 78 3.89 4.90 14.80
C LEU A 78 2.89 3.77 14.74
N SER A 79 3.28 2.67 14.12
CA SER A 79 2.35 1.57 13.95
C SER A 79 3.01 0.26 14.36
N ASP A 80 2.16 -0.70 14.74
CA ASP A 80 2.65 -2.05 15.01
C ASP A 80 2.97 -2.83 13.75
N ILE A 81 2.58 -2.35 12.59
CA ILE A 81 2.85 -3.05 11.34
C ILE A 81 3.68 -2.17 10.41
N VAL A 82 4.35 -2.83 9.46
CA VAL A 82 5.42 -2.19 8.70
C VAL A 82 4.88 -1.22 7.67
N SER A 83 3.66 -1.45 7.18
CA SER A 83 3.05 -0.55 6.21
C SER A 83 1.55 -0.68 6.35
N LEU A 84 0.84 0.40 6.08
CA LEU A 84 -0.62 0.37 6.10
C LEU A 84 -1.13 0.17 4.69
N SER A 85 -2.18 -0.64 4.56
CA SER A 85 -2.84 -0.77 3.29
C SER A 85 -3.66 0.48 3.01
N THR A 86 -4.09 0.63 1.76
CA THR A 86 -5.01 1.74 1.44
C THR A 86 -6.26 1.67 2.30
N ALA A 87 -6.77 0.46 2.55
CA ALA A 87 -7.93 0.29 3.43
C ALA A 87 -7.64 0.84 4.82
N GLN A 88 -6.50 0.48 5.41
CA GLN A 88 -6.17 0.96 6.75
C GLN A 88 -5.94 2.47 6.76
N LYS A 89 -5.37 3.00 5.68
CA LYS A 89 -5.16 4.45 5.60
C LYS A 89 -6.49 5.18 5.56
N LYS A 90 -7.42 4.73 4.71
CA LYS A 90 -8.68 5.42 4.59
C LYS A 90 -9.53 5.27 5.83
N LEU A 91 -9.56 4.07 6.43
CA LEU A 91 -10.34 3.88 7.64
C LEU A 91 -9.87 4.83 8.74
N LEU A 92 -8.56 5.02 8.85
CA LEU A 92 -8.01 5.93 9.85
C LEU A 92 -8.28 7.38 9.48
N LEU A 93 -7.90 7.78 8.27
CA LEU A 93 -7.94 9.20 7.92
C LEU A 93 -9.36 9.71 7.76
N TYR A 94 -10.27 8.90 7.20
CA TYR A 94 -11.65 9.37 7.09
C TYR A 94 -12.24 9.63 8.46
N GLY A 95 -11.84 8.86 9.47
CA GLY A 95 -12.33 9.08 10.82
C GLY A 95 -11.75 10.31 11.49
N PHE A 96 -10.77 10.95 10.88
CA PHE A 96 -10.23 12.22 11.35
C PHE A 96 -10.75 13.38 10.53
N THR A 97 -11.92 13.22 9.90
CA THR A 97 -12.60 14.28 9.19
C THR A 97 -13.96 14.55 9.84
N GLN A 98 -14.49 15.74 9.58
CA GLN A 98 -15.83 16.07 10.05
C GLN A 98 -16.89 15.12 9.50
N PRO A 99 -16.94 14.80 8.21
CA PRO A 99 -17.95 13.84 7.75
C PRO A 99 -17.75 12.43 8.28
N GLY A 100 -16.53 12.05 8.60
CA GLY A 100 -16.32 10.76 9.24
C GLY A 100 -16.09 9.64 8.26
N VAL A 101 -16.04 8.43 8.82
CA VAL A 101 -15.84 7.23 8.01
C VAL A 101 -16.91 7.15 6.94
N GLN A 102 -16.51 6.76 5.72
CA GLN A 102 -17.45 6.49 4.64
C GLN A 102 -17.04 5.21 3.93
N GLY A 103 -18.03 4.56 3.33
CA GLY A 103 -17.81 3.38 2.50
C GLY A 103 -17.53 2.10 3.24
N LEU A 104 -17.83 2.03 4.53
CA LEU A 104 -17.51 0.86 5.34
C LEU A 104 -18.69 -0.11 5.35
N THR A 105 -18.38 -1.40 5.24
CA THR A 105 -19.39 -2.45 5.17
C THR A 105 -18.80 -3.76 5.66
N GLY A 106 -19.67 -4.73 5.88
CA GLY A 106 -19.23 -6.07 6.18
C GLY A 106 -19.10 -6.35 7.66
N ASP A 107 -18.21 -7.27 8.02
CA ASP A 107 -18.01 -7.59 9.43
C ASP A 107 -17.64 -6.33 10.21
N VAL A 108 -18.23 -6.20 11.40
CA VAL A 108 -17.98 -5.00 12.20
C VAL A 108 -16.50 -4.83 12.50
N VAL A 109 -16.05 -3.59 12.46
CA VAL A 109 -14.73 -3.18 12.95
C VAL A 109 -14.93 -2.36 14.22
N SER A 110 -14.16 -2.66 15.23
CA SER A 110 -14.14 -1.87 16.46
C SER A 110 -12.89 -1.01 16.51
N VAL A 111 -13.00 0.15 17.16
CA VAL A 111 -11.84 1.01 17.40
C VAL A 111 -11.78 1.30 18.89
N GLU A 112 -10.56 1.34 19.42
CA GLU A 112 -10.33 1.97 20.72
C GLU A 112 -9.40 3.15 20.55
N THR A 113 -9.86 4.32 20.97
CA THR A 113 -9.16 5.59 20.80
C THR A 113 -8.85 6.14 22.18
N LYS A 114 -7.60 6.50 22.40
CA LYS A 114 -7.21 7.07 23.69
C LYS A 114 -6.00 7.97 23.49
N ARG A 115 -5.85 8.91 24.41
CA ARG A 115 -4.60 9.66 24.52
C ARG A 115 -3.59 8.80 25.27
N ILE A 116 -2.34 8.86 24.81
CA ILE A 116 -1.26 8.18 25.52
C ILE A 116 -0.14 9.18 25.79
N PRO A 117 0.65 8.99 26.85
CA PRO A 117 1.69 9.99 27.16
C PRO A 117 2.88 9.95 26.21
N THR A 118 3.24 8.78 25.68
CA THR A 118 4.45 8.67 24.89
C THR A 118 4.25 7.54 23.89
N PRO A 119 4.80 7.66 22.69
CA PRO A 119 4.64 6.60 21.71
C PRO A 119 5.39 5.34 22.13
N THR A 120 4.85 4.20 21.72
CA THR A 120 5.40 2.90 22.07
C THR A 120 5.72 2.01 20.88
N GLN A 121 5.11 2.25 19.73
CA GLN A 121 5.23 1.33 18.62
C GLN A 121 6.51 1.64 17.83
N THR A 122 6.86 0.72 16.92
CA THR A 122 8.23 0.70 16.41
C THR A 122 8.36 0.93 14.90
N ASN A 123 7.29 1.28 14.18
CA ASN A 123 7.37 1.56 12.75
C ASN A 123 6.85 2.98 12.51
N LEU A 124 7.69 3.84 11.95
CA LEU A 124 7.33 5.22 11.67
C LEU A 124 6.79 5.30 10.25
N LEU A 125 5.52 5.69 10.13
CA LEU A 125 4.86 5.75 8.84
C LEU A 125 4.31 7.15 8.59
N THR A 126 4.34 7.54 7.32
CA THR A 126 3.74 8.77 6.85
C THR A 126 2.67 8.36 5.85
N ILE A 127 1.42 8.76 6.10
CA ILE A 127 0.32 8.42 5.20
C ILE A 127 -0.43 9.69 4.80
N GLU A 128 -1.05 9.66 3.63
CA GLU A 128 -1.67 10.84 3.08
C GLU A 128 -2.95 10.47 2.33
N ASP A 129 -3.87 11.44 2.29
CA ASP A 129 -5.04 11.34 1.42
C ASP A 129 -5.53 12.74 1.13
N SER A 130 -6.22 12.88 -0.01
CA SER A 130 -6.71 14.17 -0.47
C SER A 130 -8.05 14.54 0.16
N ILE A 131 -8.05 14.62 1.48
CA ILE A 131 -9.24 14.92 2.26
C ILE A 131 -8.86 15.95 3.31
N GLN A 132 -9.85 16.44 4.05
CA GLN A 132 -9.65 17.49 5.04
C GLN A 132 -9.70 16.88 6.43
N CYS A 133 -8.56 16.42 6.90
CA CYS A 133 -8.51 15.93 8.26
C CYS A 133 -8.35 17.08 9.25
N PHE A 134 -8.78 16.83 10.48
CA PHE A 134 -8.40 17.67 11.60
C PHE A 134 -6.88 17.66 11.73
N THR A 135 -6.30 18.82 11.98
CA THR A 135 -4.85 18.97 12.02
C THR A 135 -4.38 19.43 13.38
N TRP A 136 -3.24 18.90 13.81
CA TRP A 136 -2.58 19.36 15.01
C TRP A 136 -1.08 19.08 14.90
N ASP A 137 -0.31 19.91 15.59
CA ASP A 137 1.14 19.82 15.52
C ASP A 137 1.68 18.94 16.66
N MET A 138 2.88 18.40 16.42
CA MET A 138 3.57 17.61 17.41
C MET A 138 4.32 18.50 18.40
N ASN A 139 4.96 19.56 17.90
CA ASN A 139 5.69 20.48 18.77
C ASN A 139 4.82 21.68 19.14
N PHE B 15 17.81 -11.18 -23.82
CA PHE B 15 16.77 -10.63 -22.94
C PHE B 15 15.53 -11.53 -22.91
N ILE B 16 15.26 -12.14 -21.76
CA ILE B 16 14.20 -13.14 -21.64
C ILE B 16 13.10 -12.62 -20.72
N MET B 17 11.85 -12.70 -21.19
CA MET B 17 10.67 -12.39 -20.40
C MET B 17 9.91 -13.68 -20.10
N TYR B 18 9.42 -13.80 -18.88
CA TYR B 18 8.69 -14.99 -18.44
C TYR B 18 7.21 -14.69 -18.34
N SER B 19 6.39 -15.60 -18.88
CA SER B 19 4.95 -15.60 -18.63
C SER B 19 4.54 -17.00 -18.17
N GLY B 20 3.57 -17.07 -17.27
CA GLY B 20 3.08 -18.34 -16.79
C GLY B 20 2.88 -18.31 -15.29
N THR B 21 2.82 -19.51 -14.70
CA THR B 21 2.65 -19.64 -13.27
C THR B 21 3.85 -19.07 -12.54
N ILE B 22 3.60 -18.24 -11.53
CA ILE B 22 4.68 -17.68 -10.71
C ILE B 22 5.00 -18.66 -9.59
N SER B 23 6.28 -18.89 -9.37
CA SER B 23 6.74 -19.62 -8.20
C SER B 23 7.98 -18.94 -7.67
N ASN B 24 8.43 -19.39 -6.50
CA ASN B 24 9.57 -18.76 -5.87
C ASN B 24 10.84 -19.05 -6.68
N GLY B 25 11.59 -17.99 -6.99
CA GLY B 25 12.75 -18.07 -7.86
C GLY B 25 12.51 -17.56 -9.27
N ILE B 26 11.25 -17.31 -9.64
CA ILE B 26 10.94 -16.74 -10.96
C ILE B 26 11.36 -15.28 -11.00
N SER B 27 12.07 -14.90 -12.05
CA SER B 27 12.29 -13.52 -12.42
C SER B 27 11.55 -13.25 -13.71
N TYR B 28 10.80 -12.14 -13.76
CA TYR B 28 10.01 -11.85 -14.95
C TYR B 28 10.89 -11.48 -16.13
N VAL B 29 12.07 -10.95 -15.86
CA VAL B 29 13.11 -10.75 -16.87
C VAL B 29 14.39 -11.34 -16.28
N ASN B 30 15.31 -11.73 -17.17
CA ASN B 30 16.58 -12.28 -16.71
C ASN B 30 17.64 -11.22 -16.52
N GLN B 31 17.38 -9.99 -16.94
CA GLN B 31 18.33 -8.89 -16.84
C GLN B 31 17.56 -7.63 -17.19
N ALA B 32 18.17 -6.49 -16.92
CA ALA B 32 17.54 -5.23 -17.25
C ALA B 32 17.32 -5.12 -18.75
N PRO B 33 16.16 -4.64 -19.22
CA PRO B 33 16.01 -4.37 -20.64
C PRO B 33 16.78 -3.12 -21.02
N SER B 34 16.85 -2.89 -22.33
CA SER B 34 17.51 -1.69 -22.83
C SER B 34 16.70 -0.46 -22.43
N CYS B 35 17.37 0.70 -22.50
CA CYS B 35 16.74 1.97 -22.18
C CYS B 35 15.50 2.19 -23.04
N GLY B 36 14.50 2.84 -22.44
CA GLY B 36 13.28 3.16 -23.12
C GLY B 36 12.26 2.05 -23.20
N THR B 37 12.61 0.84 -22.76
CA THR B 37 11.66 -0.26 -22.79
C THR B 37 10.52 -0.01 -21.82
N VAL B 38 9.30 -0.29 -22.28
CA VAL B 38 8.12 -0.32 -21.44
C VAL B 38 7.68 -1.77 -21.33
N LEU B 39 7.61 -2.29 -20.11
CA LEU B 39 7.25 -3.68 -19.87
C LEU B 39 5.86 -3.75 -19.24
N SER B 40 4.96 -4.49 -19.89
CA SER B 40 3.62 -4.73 -19.35
C SER B 40 3.63 -6.06 -18.59
N LEU B 41 3.13 -6.05 -17.36
CA LEU B 41 3.00 -7.26 -16.55
C LEU B 41 1.59 -7.31 -16.00
N LYS B 42 0.86 -8.37 -16.32
CA LYS B 42 -0.50 -8.51 -15.81
C LYS B 42 -0.54 -9.74 -14.92
N PHE B 43 -1.05 -9.55 -13.70
CA PHE B 43 -1.02 -10.56 -12.65
C PHE B 43 -2.43 -11.03 -12.36
N THR B 44 -2.62 -12.35 -12.33
CA THR B 44 -3.93 -12.95 -12.09
C THR B 44 -3.79 -13.97 -10.95
N PRO B 45 -4.11 -13.57 -9.73
CA PRO B 45 -4.07 -14.52 -8.60
C PRO B 45 -5.37 -15.30 -8.46
N GLY B 46 -5.37 -16.23 -7.51
CA GLY B 46 -6.58 -16.90 -7.08
C GLY B 46 -7.15 -16.20 -5.86
N ASN B 47 -8.07 -16.90 -5.19
CA ASN B 47 -8.78 -16.28 -4.07
C ASN B 47 -7.88 -16.13 -2.84
N SER B 48 -6.87 -16.99 -2.70
CA SER B 48 -6.02 -17.01 -1.51
C SER B 48 -4.54 -17.16 -1.91
N SER B 49 -4.06 -16.21 -2.71
CA SER B 49 -2.66 -16.12 -3.11
C SER B 49 -1.96 -15.17 -2.16
N LEU B 50 -0.87 -15.63 -1.55
CA LEU B 50 -0.18 -14.86 -0.52
C LEU B 50 1.31 -14.73 -0.84
N ILE B 51 1.85 -13.54 -0.63
CA ILE B 51 3.30 -13.32 -0.68
C ILE B 51 3.72 -12.73 0.66
N GLU B 52 4.61 -13.43 1.36
CA GLU B 52 5.05 -13.03 2.69
C GLU B 52 3.84 -12.69 3.57
N ASN B 53 2.84 -13.58 3.49
CA ASN B 53 1.61 -13.52 4.26
C ASN B 53 0.68 -12.38 3.89
N LEU B 54 0.88 -11.77 2.71
CA LEU B 54 0.06 -10.66 2.25
C LEU B 54 -0.77 -11.11 1.05
N HIS B 55 -2.06 -10.79 1.09
CA HIS B 55 -2.99 -11.25 0.07
C HIS B 55 -2.81 -10.46 -1.23
N ILE B 56 -2.73 -11.17 -2.35
CA ILE B 56 -2.51 -10.58 -3.68
C ILE B 56 -3.83 -10.47 -4.43
N GLU B 57 -4.13 -9.29 -4.96
CA GLU B 57 -5.26 -9.07 -5.84
C GLU B 57 -4.75 -8.80 -7.26
N PRO B 58 -5.59 -8.98 -8.28
CA PRO B 58 -5.12 -8.80 -9.66
C PRO B 58 -4.74 -7.34 -9.92
N TYR B 59 -3.79 -7.17 -10.82
CA TYR B 59 -3.34 -5.84 -11.22
C TYR B 59 -2.53 -5.97 -12.50
N LYS B 60 -2.46 -4.86 -13.21
CA LYS B 60 -1.69 -4.74 -14.44
C LYS B 60 -0.82 -3.50 -14.33
N VAL B 61 0.46 -3.65 -14.65
CA VAL B 61 1.41 -2.54 -14.60
C VAL B 61 2.12 -2.40 -15.94
N GLU B 62 2.51 -1.17 -16.25
CA GLU B 62 3.36 -0.88 -17.40
C GLU B 62 4.55 -0.12 -16.84
N VAL B 63 5.68 -0.81 -16.72
CA VAL B 63 6.84 -0.25 -16.03
C VAL B 63 7.66 0.57 -17.00
N LEU B 64 7.83 1.86 -16.68
CA LEU B 64 8.58 2.77 -17.53
C LEU B 64 10.07 2.80 -17.21
N LYS B 65 10.43 2.50 -15.97
CA LYS B 65 11.83 2.46 -15.56
C LYS B 65 11.89 1.91 -14.15
N ILE B 66 13.04 1.35 -13.81
CA ILE B 66 13.39 1.05 -12.43
C ILE B 66 14.75 1.67 -12.19
N GLU B 67 14.87 2.45 -11.13
CA GLU B 67 16.09 3.15 -10.79
C GLU B 67 16.51 2.73 -9.41
N HIS B 68 17.79 2.89 -9.12
CA HIS B 68 18.23 2.82 -7.74
C HIS B 68 18.35 4.24 -7.23
N VAL B 69 17.67 4.52 -6.12
CA VAL B 69 17.62 5.84 -5.53
C VAL B 69 17.99 5.65 -4.07
N GLY B 70 19.08 6.28 -3.65
CA GLY B 70 19.58 6.00 -2.32
C GLY B 70 19.84 4.51 -2.18
N ASP B 71 19.26 3.90 -1.15
CA ASP B 71 19.44 2.47 -0.89
C ASP B 71 18.22 1.63 -1.27
N VAL B 72 17.36 2.13 -2.15
CA VAL B 72 16.18 1.39 -2.55
C VAL B 72 16.11 1.31 -4.07
N SER B 73 15.34 0.34 -4.56
CA SER B 73 14.90 0.32 -5.95
C SER B 73 13.57 1.03 -6.06
N ARG B 74 13.42 1.85 -7.09
CA ARG B 74 12.22 2.64 -7.31
C ARG B 74 11.72 2.37 -8.71
N ALA B 75 10.50 1.85 -8.82
CA ALA B 75 9.86 1.63 -10.10
C ALA B 75 8.84 2.73 -10.38
N THR B 76 8.86 3.26 -11.59
CA THR B 76 7.87 4.22 -12.07
C THR B 76 7.01 3.50 -13.09
N LEU B 77 5.70 3.49 -12.87
CA LEU B 77 4.84 2.63 -13.67
C LEU B 77 3.46 3.23 -13.82
N LEU B 78 2.75 2.78 -14.84
CA LEU B 78 1.33 3.02 -14.98
C LEU B 78 0.56 1.77 -14.64
N SER B 79 -0.54 1.94 -13.92
CA SER B 79 -1.28 0.79 -13.44
C SER B 79 -2.77 1.00 -13.71
N ASP B 80 -3.50 -0.12 -13.80
CA ASP B 80 -4.94 -0.07 -13.93
C ASP B 80 -5.64 0.23 -12.61
N ILE B 81 -4.91 0.19 -11.49
CA ILE B 81 -5.50 0.46 -10.18
C ILE B 81 -4.79 1.65 -9.53
N VAL B 82 -5.49 2.25 -8.56
CA VAL B 82 -5.09 3.56 -8.06
C VAL B 82 -3.88 3.48 -7.14
N SER B 83 -3.72 2.38 -6.42
CA SER B 83 -2.57 2.18 -5.55
C SER B 83 -2.26 0.70 -5.52
N LEU B 84 -1.00 0.36 -5.33
CA LEU B 84 -0.59 -1.04 -5.18
C LEU B 84 -0.46 -1.36 -3.71
N SER B 85 -0.91 -2.56 -3.34
CA SER B 85 -0.70 -3.04 -1.98
C SER B 85 0.75 -3.45 -1.80
N THR B 86 1.16 -3.61 -0.55
CA THR B 86 2.51 -4.13 -0.30
C THR B 86 2.70 -5.48 -0.99
N ALA B 87 1.66 -6.33 -0.98
CA ALA B 87 1.74 -7.61 -1.67
C ALA B 87 2.01 -7.43 -3.16
N GLN B 88 1.27 -6.51 -3.80
CA GLN B 88 1.46 -6.29 -5.23
C GLN B 88 2.83 -5.67 -5.52
N LYS B 89 3.32 -4.79 -4.64
CA LYS B 89 4.63 -4.20 -4.82
C LYS B 89 5.73 -5.26 -4.71
N LYS B 90 5.64 -6.13 -3.71
CA LYS B 90 6.66 -7.15 -3.53
C LYS B 90 6.62 -8.18 -4.64
N LEU B 91 5.42 -8.64 -5.02
CA LEU B 91 5.32 -9.62 -6.11
C LEU B 91 5.96 -9.08 -7.38
N LEU B 92 5.76 -7.79 -7.67
CA LEU B 92 6.33 -7.20 -8.86
C LEU B 92 7.84 -7.00 -8.72
N LEU B 93 8.26 -6.32 -7.65
CA LEU B 93 9.67 -5.94 -7.54
C LEU B 93 10.58 -7.13 -7.29
N TYR B 94 10.15 -8.09 -6.47
CA TYR B 94 10.97 -9.28 -6.26
C TYR B 94 11.23 -10.00 -7.58
N GLY B 95 10.24 -9.99 -8.49
CA GLY B 95 10.44 -10.61 -9.79
C GLY B 95 11.37 -9.85 -10.72
N PHE B 96 11.76 -8.63 -10.35
CA PHE B 96 12.78 -7.87 -11.06
C PHE B 96 14.13 -7.92 -10.37
N THR B 97 14.37 -8.97 -9.58
CA THR B 97 15.66 -9.22 -8.98
C THR B 97 16.21 -10.54 -9.51
N GLN B 98 17.52 -10.69 -9.43
CA GLN B 98 18.15 -11.96 -9.80
C GLN B 98 17.66 -13.14 -8.98
N PRO B 99 17.55 -13.07 -7.64
CA PRO B 99 17.01 -14.22 -6.91
C PRO B 99 15.55 -14.49 -7.22
N GLY B 100 14.77 -13.48 -7.58
CA GLY B 100 13.41 -13.71 -8.03
C GLY B 100 12.39 -13.63 -6.92
N VAL B 101 11.16 -14.01 -7.28
CA VAL B 101 10.07 -14.00 -6.33
C VAL B 101 10.40 -14.86 -5.11
N GLN B 102 10.01 -14.41 -3.93
CA GLN B 102 10.22 -15.16 -2.71
C GLN B 102 8.97 -15.02 -1.84
N GLY B 103 8.71 -16.04 -1.03
CA GLY B 103 7.63 -16.00 -0.06
C GLY B 103 6.24 -16.20 -0.61
N LEU B 104 6.11 -16.71 -1.83
CA LEU B 104 4.81 -16.87 -2.49
C LEU B 104 4.22 -18.24 -2.16
N THR B 105 2.91 -18.26 -1.89
CA THR B 105 2.23 -19.51 -1.58
C THR B 105 0.74 -19.36 -1.88
N GLY B 106 0.04 -20.48 -1.81
CA GLY B 106 -1.40 -20.47 -1.95
C GLY B 106 -1.85 -20.67 -3.37
N ASP B 107 -3.04 -20.14 -3.71
CA ASP B 107 -3.56 -20.28 -5.05
C ASP B 107 -2.56 -19.72 -6.06
N VAL B 108 -2.42 -20.41 -7.19
CA VAL B 108 -1.42 -20.00 -8.17
C VAL B 108 -1.72 -18.61 -8.69
N VAL B 109 -0.68 -17.84 -8.93
CA VAL B 109 -0.75 -16.56 -9.62
C VAL B 109 -0.08 -16.72 -10.96
N SER B 110 -0.71 -16.20 -12.01
CA SER B 110 -0.10 -16.17 -13.33
C SER B 110 0.36 -14.75 -13.64
N VAL B 111 1.41 -14.65 -14.46
CA VAL B 111 1.87 -13.36 -14.98
C VAL B 111 1.95 -13.46 -16.49
N GLU B 112 1.57 -12.38 -17.17
CA GLU B 112 1.94 -12.23 -18.58
C GLU B 112 2.81 -11.00 -18.73
N THR B 113 4.01 -11.20 -19.24
CA THR B 113 5.02 -10.17 -19.39
C THR B 113 5.27 -9.95 -20.87
N LYS B 114 5.20 -8.70 -21.31
CA LYS B 114 5.49 -8.38 -22.71
C LYS B 114 6.04 -6.96 -22.81
N ARG B 115 6.79 -6.73 -23.88
CA ARG B 115 7.14 -5.36 -24.25
C ARG B 115 5.94 -4.72 -24.95
N ILE B 116 5.70 -3.46 -24.65
CA ILE B 116 4.66 -2.69 -25.36
C ILE B 116 5.27 -1.41 -25.92
N PRO B 117 4.74 -0.88 -27.02
CA PRO B 117 5.34 0.32 -27.62
C PRO B 117 5.04 1.61 -26.85
N THR B 118 3.88 1.67 -26.19
CA THR B 118 3.51 2.93 -25.55
C THR B 118 2.62 2.62 -24.36
N PRO B 119 2.75 3.37 -23.27
CA PRO B 119 1.91 3.11 -22.11
C PRO B 119 0.45 3.41 -22.40
N THR B 120 -0.44 2.63 -21.78
CA THR B 120 -1.87 2.75 -21.98
C THR B 120 -2.66 3.00 -20.70
N GLN B 121 -2.12 2.65 -19.53
CA GLN B 121 -2.90 2.75 -18.31
C GLN B 121 -2.88 4.17 -17.76
N THR B 122 -3.73 4.42 -16.77
CA THR B 122 -4.08 5.79 -16.42
C THR B 122 -3.73 6.22 -15.00
N ASN B 123 -3.03 5.40 -14.22
CA ASN B 123 -2.59 5.77 -12.87
C ASN B 123 -1.08 5.70 -12.82
N LEU B 124 -0.45 6.83 -12.49
CA LEU B 124 1.01 6.91 -12.40
C LEU B 124 1.42 6.64 -10.95
N LEU B 125 2.18 5.57 -10.74
CA LEU B 125 2.57 5.14 -9.40
C LEU B 125 4.08 5.04 -9.31
N THR B 126 4.61 5.38 -8.14
CA THR B 126 6.01 5.20 -7.82
C THR B 126 6.07 4.24 -6.64
N ILE B 127 6.79 3.13 -6.79
CA ILE B 127 6.87 2.14 -5.72
C ILE B 127 8.33 1.81 -5.45
N GLU B 128 8.61 1.42 -4.22
CA GLU B 128 9.99 1.24 -3.78
C GLU B 128 10.09 0.04 -2.86
N ASP B 129 11.26 -0.60 -2.90
CA ASP B 129 11.63 -1.58 -1.89
C ASP B 129 13.14 -1.62 -1.76
N SER B 130 13.61 -2.03 -0.58
CA SER B 130 15.05 -2.05 -0.29
C SER B 130 15.69 -3.34 -0.79
N ILE B 131 15.58 -3.57 -2.10
CA ILE B 131 16.16 -4.73 -2.75
C ILE B 131 16.91 -4.25 -3.98
N GLN B 132 17.53 -5.20 -4.69
CA GLN B 132 18.39 -4.89 -5.83
C GLN B 132 17.68 -5.32 -7.10
N CYS B 133 16.80 -4.46 -7.60
CA CYS B 133 16.15 -4.75 -8.86
C CYS B 133 17.10 -4.46 -10.03
N PHE B 134 16.83 -5.13 -11.14
CA PHE B 134 17.39 -4.71 -12.42
C PHE B 134 16.91 -3.29 -12.71
N THR B 135 17.81 -2.47 -13.24
CA THR B 135 17.53 -1.07 -13.47
C THR B 135 17.67 -0.71 -14.95
N TRP B 136 16.77 0.15 -15.42
CA TRP B 136 16.88 0.71 -16.76
C TRP B 136 16.21 2.08 -16.77
N ASP B 137 16.68 2.93 -17.67
CA ASP B 137 16.18 4.29 -17.76
C ASP B 137 15.08 4.39 -18.82
N MET B 138 14.26 5.41 -18.66
CA MET B 138 13.19 5.68 -19.61
C MET B 138 13.72 6.45 -20.82
N ASN B 139 14.66 7.36 -20.60
CA ASN B 139 15.20 8.17 -21.70
C ASN B 139 16.51 7.58 -22.20
N GLY C 1 5.63 -19.16 -22.33
CA GLY C 1 6.73 -19.48 -21.44
C GLY C 1 7.78 -18.38 -21.36
N ALA C 2 8.73 -18.41 -22.30
CA ALA C 2 9.75 -17.40 -22.39
C ALA C 2 9.70 -16.75 -23.76
N ALA C 3 9.97 -15.45 -23.80
CA ALA C 3 10.17 -14.72 -25.04
C ALA C 3 11.51 -14.02 -24.95
N GLY C 4 12.32 -14.14 -26.00
CA GLY C 4 13.60 -13.47 -26.01
C GLY C 4 14.17 -13.32 -27.40
#